data_6S36
#
_entry.id   6S36
#
_cell.length_a   135.690
_cell.length_b   31.619
_cell.length_c   53.171
_cell.angle_alpha   90.00
_cell.angle_beta   111.86
_cell.angle_gamma   90.00
#
_symmetry.space_group_name_H-M   'C 1 2 1'
#
loop_
_entity.id
_entity.type
_entity.pdbx_description
1 polymer 'Adenylate kinase'
2 non-polymer 'CHLORIDE ION'
3 non-polymer 'SODIUM ION'
4 non-polymer 'MAGNESIUM ION'
5 water water
#
_entity_poly.entity_id   1
_entity_poly.type   'polypeptide(L)'
_entity_poly.pdbx_seq_one_letter_code
;MRIILLGAPGAGKGTQAQFIMEKYGIPQISTGDMLRAAVKSGSELGKQAKDIMDAGKLVTDELVIALVKERIAQEDCRNG
FLLDGFPRTIPQADAMKEAGINVDYVLEFDVPDELIVDKIVGRRVHAPSGRVYHVKFNPPKVEGKDDVTGEELTTRKDDQ
EETVRKRLVEYHQMTAPLIGYYSKEAEAGNTKYAKVDGTKPVAEVRADLEKILG
;
_entity_poly.pdbx_strand_id   A
#
loop_
_chem_comp.id
_chem_comp.type
_chem_comp.name
_chem_comp.formula
CL non-polymer 'CHLORIDE ION' 'Cl -1'
MG non-polymer 'MAGNESIUM ION' 'Mg 2'
NA non-polymer 'SODIUM ION' 'Na 1'
#
# COMPACT_ATOMS: atom_id res chain seq x y z
N MET A 1 9.72 15.57 0.95
CA MET A 1 9.57 14.69 -0.26
C MET A 1 8.14 14.19 -0.33
N ARG A 2 7.54 14.25 -1.51
N ARG A 2 7.55 14.23 -1.52
CA ARG A 2 6.21 13.70 -1.75
CA ARG A 2 6.21 13.70 -1.76
C ARG A 2 6.40 12.41 -2.54
C ARG A 2 6.40 12.41 -2.54
N ILE A 3 5.94 11.30 -1.97
CA ILE A 3 6.21 9.97 -2.51
C ILE A 3 4.89 9.22 -2.61
N ILE A 4 4.69 8.56 -3.73
CA ILE A 4 3.66 7.54 -3.88
C ILE A 4 4.34 6.18 -3.85
N LEU A 5 3.82 5.28 -3.01
CA LEU A 5 4.37 3.94 -2.86
C LEU A 5 3.30 2.93 -3.26
N LEU A 6 3.52 2.23 -4.37
CA LEU A 6 2.58 1.27 -4.91
C LEU A 6 3.16 -0.12 -4.74
N GLY A 7 2.27 -1.10 -4.71
CA GLY A 7 2.67 -2.49 -4.57
C GLY A 7 1.50 -3.44 -4.50
N ALA A 8 1.69 -4.61 -5.06
CA ALA A 8 0.65 -5.61 -5.06
C ALA A 8 0.31 -6.08 -3.66
N PRO A 9 -0.94 -6.52 -3.44
CA PRO A 9 -1.33 -7.05 -2.12
C PRO A 9 -0.49 -8.28 -1.79
N GLY A 10 0.20 -8.19 -0.65
CA GLY A 10 1.06 -9.26 -0.17
C GLY A 10 2.53 -9.09 -0.49
N ALA A 11 2.89 -8.08 -1.28
CA ALA A 11 4.30 -7.93 -1.66
C ALA A 11 5.15 -7.45 -0.48
N GLY A 12 4.57 -6.71 0.46
CA GLY A 12 5.29 -6.19 1.60
C GLY A 12 5.85 -4.81 1.46
N LYS A 13 5.23 -3.91 0.69
CA LYS A 13 5.80 -2.57 0.55
C LYS A 13 5.88 -1.86 1.89
N GLY A 14 4.99 -2.22 2.80
CA GLY A 14 4.99 -1.63 4.13
C GLY A 14 6.30 -1.76 4.85
N THR A 15 7.12 -2.75 4.47
CA THR A 15 8.39 -2.96 5.16
C THR A 15 9.34 -1.78 5.02
N GLN A 16 9.10 -0.88 4.08
CA GLN A 16 9.97 0.26 3.88
C GLN A 16 9.35 1.57 4.34
N ALA A 17 8.13 1.53 4.89
CA ALA A 17 7.41 2.75 5.22
C ALA A 17 8.10 3.54 6.33
N GLN A 18 8.47 2.86 7.42
CA GLN A 18 9.08 3.61 8.51
C GLN A 18 10.43 4.19 8.11
N PHE A 19 11.19 3.47 7.30
CA PHE A 19 12.43 4.03 6.79
C PHE A 19 12.17 5.36 6.09
N ILE A 20 11.17 5.42 5.21
CA ILE A 20 10.90 6.63 4.45
C ILE A 20 10.39 7.73 5.38
N MET A 21 9.51 7.37 6.31
CA MET A 21 8.99 8.39 7.22
C MET A 21 10.11 9.05 8.00
N GLU A 22 11.08 8.25 8.47
CA GLU A 22 12.14 8.78 9.31
C GLU A 22 13.21 9.51 8.48
N LYS A 23 13.45 9.05 7.25
CA LYS A 23 14.38 9.76 6.38
C LYS A 23 13.94 11.20 6.13
N TYR A 24 12.65 11.41 5.90
CA TYR A 24 12.20 12.72 5.48
C TYR A 24 11.35 13.47 6.49
N GLY A 25 10.93 12.83 7.58
CA GLY A 25 10.04 13.53 8.49
C GLY A 25 8.66 13.73 7.94
N ILE A 26 8.07 12.67 7.39
CA ILE A 26 6.80 12.79 6.72
C ILE A 26 5.87 11.70 7.19
N PRO A 27 4.57 11.95 7.25
CA PRO A 27 3.61 10.92 7.63
C PRO A 27 3.30 10.00 6.48
N GLN A 28 2.87 8.81 6.85
CA GLN A 28 2.27 7.85 5.94
C GLN A 28 0.77 8.08 5.88
N ILE A 29 0.23 8.24 4.66
CA ILE A 29 -1.18 8.57 4.48
C ILE A 29 -1.77 7.59 3.49
N SER A 30 -3.08 7.33 3.65
CA SER A 30 -3.75 6.36 2.81
C SER A 30 -5.22 6.74 2.70
N THR A 31 -5.85 6.32 1.59
CA THR A 31 -7.26 6.66 1.43
C THR A 31 -8.08 5.96 2.50
N GLY A 32 -7.68 4.75 2.89
CA GLY A 32 -8.38 4.08 3.96
C GLY A 32 -8.36 4.86 5.25
N ASP A 33 -7.18 5.31 5.66
CA ASP A 33 -7.05 6.07 6.89
C ASP A 33 -7.78 7.42 6.80
N MET A 34 -7.80 8.01 5.60
CA MET A 34 -8.44 9.31 5.44
C MET A 34 -9.93 9.22 5.64
N LEU A 35 -10.55 8.17 5.08
CA LEU A 35 -11.97 7.96 5.24
C LEU A 35 -12.32 7.84 6.71
N ARG A 36 -11.53 7.03 7.43
CA ARG A 36 -11.83 6.79 8.84
C ARG A 36 -11.65 8.06 9.65
N ALA A 37 -10.61 8.83 9.37
CA ALA A 37 -10.35 10.08 10.07
C ALA A 37 -11.41 11.15 9.78
N ALA A 38 -11.61 11.51 8.51
CA ALA A 38 -12.49 12.65 8.23
C ALA A 38 -13.88 12.44 8.84
N VAL A 39 -14.34 11.20 8.95
CA VAL A 39 -15.62 10.92 9.59
C VAL A 39 -15.59 11.36 11.05
N LYS A 40 -14.49 11.08 11.75
CA LYS A 40 -14.35 11.49 13.14
C LYS A 40 -14.39 13.01 13.28
N SER A 41 -13.84 13.73 12.29
CA SER A 41 -13.58 15.15 12.42
C SER A 41 -14.83 16.00 12.36
N GLY A 42 -15.91 15.47 11.79
CA GLY A 42 -17.08 16.30 11.59
C GLY A 42 -16.94 17.37 10.54
N SER A 43 -15.85 17.35 9.76
CA SER A 43 -15.75 18.24 8.62
C SER A 43 -16.81 17.85 7.58
N GLU A 44 -17.03 18.76 6.62
CA GLU A 44 -18.06 18.52 5.62
C GLU A 44 -17.70 17.35 4.72
N LEU A 45 -16.44 17.27 4.28
CA LEU A 45 -16.05 16.13 3.47
C LEU A 45 -16.26 14.84 4.23
N GLY A 46 -15.89 14.84 5.52
CA GLY A 46 -16.10 13.66 6.32
C GLY A 46 -17.56 13.26 6.38
N LYS A 47 -18.45 14.23 6.52
CA LYS A 47 -19.86 13.91 6.55
C LYS A 47 -20.29 13.33 5.21
N GLN A 48 -19.82 13.93 4.11
CA GLN A 48 -20.20 13.39 2.81
C GLN A 48 -19.69 11.97 2.68
N ALA A 49 -18.45 11.73 3.12
CA ALA A 49 -17.88 10.39 3.05
C ALA A 49 -18.63 9.42 3.94
N LYS A 50 -19.01 9.86 5.16
CA LYS A 50 -19.75 8.99 6.08
C LYS A 50 -21.08 8.56 5.46
N ASP A 51 -21.82 9.52 4.87
CA ASP A 51 -23.06 9.20 4.20
C ASP A 51 -22.87 8.10 3.16
N ILE A 52 -21.90 8.30 2.27
CA ILE A 52 -21.61 7.33 1.21
C ILE A 52 -21.33 5.95 1.80
N MET A 53 -20.44 5.88 2.79
CA MET A 53 -20.10 4.59 3.38
C MET A 53 -21.30 3.95 4.07
N ASP A 54 -22.09 4.75 4.79
CA ASP A 54 -23.21 4.18 5.51
C ASP A 54 -24.23 3.57 4.57
N ALA A 55 -24.32 4.10 3.35
CA ALA A 55 -25.19 3.56 2.31
C ALA A 55 -24.57 2.36 1.59
N GLY A 56 -23.42 1.88 2.04
CA GLY A 56 -22.72 0.80 1.36
C GLY A 56 -22.34 1.12 -0.07
N LYS A 57 -22.10 2.38 -0.37
CA LYS A 57 -21.85 2.85 -1.72
C LYS A 57 -20.36 3.07 -1.92
N LEU A 58 -19.97 3.16 -3.17
CA LEU A 58 -18.58 3.41 -3.50
C LEU A 58 -18.24 4.88 -3.33
N VAL A 59 -17.06 5.12 -2.79
CA VAL A 59 -16.51 6.46 -2.69
C VAL A 59 -16.04 6.86 -4.07
N THR A 60 -16.60 7.95 -4.61
CA THR A 60 -16.22 8.41 -5.94
C THR A 60 -14.78 8.91 -5.94
N ASP A 61 -14.17 8.87 -7.12
CA ASP A 61 -12.85 9.46 -7.27
C ASP A 61 -12.86 10.93 -6.88
N GLU A 62 -13.95 11.64 -7.18
CA GLU A 62 -14.04 13.04 -6.83
C GLU A 62 -13.89 13.24 -5.34
N LEU A 63 -14.59 12.41 -4.54
CA LEU A 63 -14.53 12.56 -3.08
C LEU A 63 -13.18 12.12 -2.55
N VAL A 64 -12.62 11.04 -3.10
CA VAL A 64 -11.33 10.60 -2.60
C VAL A 64 -10.28 11.66 -2.84
N ILE A 65 -10.31 12.30 -4.00
CA ILE A 65 -9.29 13.28 -4.31
C ILE A 65 -9.43 14.49 -3.40
N ALA A 66 -10.68 14.90 -3.14
CA ALA A 66 -10.89 16.03 -2.24
C ALA A 66 -10.37 15.70 -0.85
N LEU A 67 -10.50 14.44 -0.43
CA LEU A 67 -9.96 14.02 0.86
C LEU A 67 -8.44 14.02 0.88
N VAL A 68 -7.82 13.58 -0.22
CA VAL A 68 -6.36 13.65 -0.34
C VAL A 68 -5.88 15.09 -0.28
N LYS A 69 -6.56 15.97 -1.04
CA LYS A 69 -6.18 17.38 -1.05
C LYS A 69 -6.28 17.96 0.35
N GLU A 70 -7.34 17.60 1.08
CA GLU A 70 -7.51 18.11 2.44
C GLU A 70 -6.46 17.55 3.37
N ARG A 71 -6.14 16.26 3.23
CA ARG A 71 -5.15 15.60 4.09
C ARG A 71 -3.76 16.20 3.95
N ILE A 72 -3.35 16.54 2.72
CA ILE A 72 -1.98 17.03 2.53
C ILE A 72 -1.85 18.51 2.81
N ALA A 73 -2.96 19.19 3.05
CA ALA A 73 -2.94 20.56 3.52
C ALA A 73 -2.71 20.66 5.01
N GLN A 74 -2.80 19.54 5.72
CA GLN A 74 -2.64 19.57 7.17
C GLN A 74 -1.18 19.77 7.55
N GLU A 75 -0.98 20.32 8.74
CA GLU A 75 0.35 20.78 9.10
C GLU A 75 1.38 19.66 9.04
N ASP A 76 0.96 18.42 9.26
CA ASP A 76 1.99 17.39 9.36
C ASP A 76 2.51 16.95 8.00
N CYS A 77 1.96 17.46 6.91
CA CYS A 77 2.49 17.18 5.59
C CYS A 77 3.38 18.31 5.07
N ARG A 78 3.91 19.14 5.97
CA ARG A 78 4.73 20.26 5.54
C ARG A 78 6.00 19.80 4.84
N ASN A 79 6.63 18.73 5.34
CA ASN A 79 7.85 18.25 4.68
C ASN A 79 7.56 17.31 3.52
N GLY A 80 6.29 16.99 3.26
CA GLY A 80 5.92 15.98 2.30
C GLY A 80 4.99 14.98 2.91
N PHE A 81 4.91 13.81 2.24
CA PHE A 81 4.03 12.75 2.64
C PHE A 81 4.39 11.51 1.87
N LEU A 82 4.01 10.37 2.46
CA LEU A 82 4.17 9.05 1.88
C LEU A 82 2.75 8.55 1.62
N LEU A 83 2.32 8.63 0.37
CA LEU A 83 0.97 8.26 0.00
C LEU A 83 0.98 6.79 -0.39
N ASP A 84 0.34 5.98 0.45
CA ASP A 84 0.47 4.52 0.42
C ASP A 84 -0.70 3.91 -0.34
N GLY A 85 -0.40 3.36 -1.52
CA GLY A 85 -1.38 2.54 -2.20
C GLY A 85 -2.42 3.30 -3.00
N PHE A 86 -2.13 4.54 -3.41
CA PHE A 86 -3.07 5.36 -4.15
C PHE A 86 -2.24 6.36 -4.93
N PRO A 87 -2.64 6.68 -6.16
CA PRO A 87 -3.80 6.18 -6.93
C PRO A 87 -3.74 4.71 -7.26
N ARG A 88 -4.90 4.18 -7.65
CA ARG A 88 -5.00 2.80 -8.09
C ARG A 88 -5.34 2.66 -9.55
N THR A 89 -5.79 3.74 -10.21
CA THR A 89 -6.22 3.71 -11.60
C THR A 89 -5.79 4.98 -12.31
N ILE A 90 -5.72 4.94 -13.65
CA ILE A 90 -5.38 6.17 -14.39
C ILE A 90 -6.41 7.26 -14.12
N PRO A 91 -7.70 7.02 -14.15
CA PRO A 91 -8.66 8.11 -13.80
C PRO A 91 -8.34 8.78 -12.47
N GLN A 92 -7.88 8.03 -11.47
CA GLN A 92 -7.52 8.65 -10.20
C GLN A 92 -6.24 9.48 -10.32
N ALA A 93 -5.25 8.98 -11.03
CA ALA A 93 -4.03 9.77 -11.25
C ALA A 93 -4.35 11.04 -12.04
N ASP A 94 -5.26 10.96 -13.02
CA ASP A 94 -5.61 12.19 -13.75
C ASP A 94 -6.32 13.16 -12.82
N ALA A 95 -7.18 12.65 -11.93
CA ALA A 95 -7.88 13.55 -11.02
C ALA A 95 -6.90 14.20 -10.06
N MET A 96 -5.79 13.52 -9.74
N MET A 96 -5.80 13.51 -9.74
CA MET A 96 -4.77 14.18 -8.92
CA MET A 96 -4.74 14.13 -8.95
C MET A 96 -4.11 15.30 -9.70
C MET A 96 -4.16 15.30 -9.71
N LYS A 97 -3.89 15.09 -11.00
CA LYS A 97 -3.31 16.15 -11.82
C LYS A 97 -4.27 17.31 -11.99
N GLU A 98 -5.55 17.03 -12.22
CA GLU A 98 -6.55 18.11 -12.33
C GLU A 98 -6.60 18.92 -11.06
N ALA A 99 -6.39 18.29 -9.91
CA ALA A 99 -6.46 18.97 -8.63
C ALA A 99 -5.17 19.66 -8.26
N GLY A 100 -4.07 19.38 -8.97
CA GLY A 100 -2.82 20.03 -8.66
C GLY A 100 -1.99 19.28 -7.66
N ILE A 101 -2.12 17.94 -7.60
CA ILE A 101 -1.37 17.15 -6.64
C ILE A 101 -0.28 16.33 -7.34
N ASN A 102 0.90 16.91 -7.44
CA ASN A 102 2.06 16.27 -8.04
C ASN A 102 2.90 15.68 -6.92
N VAL A 103 3.69 14.67 -7.24
CA VAL A 103 4.63 14.09 -6.30
C VAL A 103 6.01 14.03 -6.91
N ASP A 104 6.99 13.83 -6.04
CA ASP A 104 8.38 13.80 -6.44
C ASP A 104 8.81 12.45 -6.95
N TYR A 105 8.29 11.39 -6.32
CA TYR A 105 8.69 10.04 -6.64
C TYR A 105 7.50 9.11 -6.60
N VAL A 106 7.40 8.25 -7.61
CA VAL A 106 6.51 7.10 -7.63
C VAL A 106 7.37 5.84 -7.55
N LEU A 107 7.19 5.04 -6.50
CA LEU A 107 8.00 3.86 -6.24
C LEU A 107 7.10 2.64 -6.41
N GLU A 108 7.49 1.74 -7.32
CA GLU A 108 6.76 0.49 -7.56
C GLU A 108 7.50 -0.62 -6.85
N PHE A 109 6.92 -1.11 -5.74
CA PHE A 109 7.53 -2.17 -4.94
C PHE A 109 7.13 -3.50 -5.58
N ASP A 110 8.09 -4.17 -6.21
CA ASP A 110 7.82 -5.27 -7.13
C ASP A 110 8.30 -6.57 -6.53
N VAL A 111 7.38 -7.52 -6.41
CA VAL A 111 7.64 -8.90 -6.00
C VAL A 111 6.86 -9.80 -6.95
N PRO A 112 7.49 -10.76 -7.59
CA PRO A 112 6.76 -11.64 -8.50
C PRO A 112 5.61 -12.37 -7.82
N ASP A 113 4.54 -12.59 -8.59
CA ASP A 113 3.33 -13.20 -8.05
C ASP A 113 3.66 -14.51 -7.33
N GLU A 114 4.47 -15.36 -7.96
CA GLU A 114 4.74 -16.65 -7.33
C GLU A 114 5.36 -16.49 -5.95
N LEU A 115 6.17 -15.46 -5.74
CA LEU A 115 6.80 -15.32 -4.43
C LEU A 115 5.81 -14.79 -3.41
N ILE A 116 4.88 -13.96 -3.86
CA ILE A 116 3.82 -13.49 -2.99
C ILE A 116 2.98 -14.67 -2.51
N VAL A 117 2.58 -15.51 -3.47
CA VAL A 117 1.78 -16.67 -3.13
C VAL A 117 2.51 -17.53 -2.11
N ASP A 118 3.77 -17.86 -2.40
CA ASP A 118 4.52 -18.74 -1.53
C ASP A 118 4.60 -18.16 -0.12
N LYS A 119 4.75 -16.84 -0.01
CA LYS A 119 4.80 -16.19 1.29
C LYS A 119 3.49 -16.38 2.06
N ILE A 120 2.35 -16.13 1.41
CA ILE A 120 1.08 -16.10 2.13
C ILE A 120 0.59 -17.50 2.47
N VAL A 121 0.66 -18.43 1.52
CA VAL A 121 0.07 -19.75 1.78
C VAL A 121 0.88 -20.57 2.78
N GLY A 122 2.09 -20.14 3.14
CA GLY A 122 2.83 -20.77 4.23
C GLY A 122 2.42 -20.32 5.62
N ARG A 123 1.59 -19.28 5.72
CA ARG A 123 1.18 -18.78 7.02
C ARG A 123 0.29 -19.78 7.74
N ARG A 124 0.42 -19.83 9.06
CA ARG A 124 -0.41 -20.63 9.94
C ARG A 124 -0.81 -19.79 11.14
N VAL A 125 -2.01 -20.02 11.66
CA VAL A 125 -2.50 -19.21 12.76
C VAL A 125 -3.17 -20.08 13.82
N HIS A 126 -3.01 -19.65 15.08
CA HIS A 126 -3.83 -20.11 16.19
C HIS A 126 -4.92 -19.07 16.38
N ALA A 127 -6.11 -19.35 15.83
CA ALA A 127 -7.14 -18.32 15.72
C ALA A 127 -7.65 -17.81 17.06
N PRO A 128 -7.81 -18.62 18.11
CA PRO A 128 -8.28 -18.06 19.39
C PRO A 128 -7.37 -16.98 19.97
N SER A 129 -6.08 -16.93 19.61
CA SER A 129 -5.17 -15.94 20.17
C SER A 129 -4.55 -15.02 19.13
N GLY A 130 -4.74 -15.28 17.84
CA GLY A 130 -4.08 -14.48 16.84
C GLY A 130 -2.59 -14.71 16.74
N ARG A 131 -2.06 -15.74 17.39
CA ARG A 131 -0.66 -16.09 17.23
C ARG A 131 -0.41 -16.64 15.83
N VAL A 132 0.69 -16.20 15.21
CA VAL A 132 0.95 -16.49 13.81
C VAL A 132 2.28 -17.22 13.66
N TYR A 133 2.31 -18.12 12.68
CA TYR A 133 3.50 -18.90 12.37
C TYR A 133 3.67 -18.91 10.85
N HIS A 134 4.78 -19.49 10.38
CA HIS A 134 5.00 -19.64 8.95
C HIS A 134 5.92 -20.82 8.69
N VAL A 135 5.51 -21.72 7.79
CA VAL A 135 6.25 -22.97 7.62
C VAL A 135 7.72 -22.68 7.37
N LYS A 136 8.03 -21.60 6.64
CA LYS A 136 9.39 -21.37 6.19
C LYS A 136 10.14 -20.29 6.96
N PHE A 137 9.44 -19.36 7.62
CA PHE A 137 10.10 -18.21 8.21
C PHE A 137 9.93 -18.10 9.72
N ASN A 138 8.94 -18.76 10.32
CA ASN A 138 8.73 -18.71 11.76
C ASN A 138 7.95 -19.94 12.19
N PRO A 139 8.51 -21.14 11.98
CA PRO A 139 7.73 -22.35 12.21
C PRO A 139 7.51 -22.60 13.70
N PRO A 140 6.46 -23.32 14.06
CA PRO A 140 6.22 -23.59 15.49
C PRO A 140 7.14 -24.69 16.00
N LYS A 141 7.06 -24.93 17.31
CA LYS A 141 7.98 -25.87 17.94
C LYS A 141 7.60 -27.31 17.65
N VAL A 142 6.32 -27.63 17.77
CA VAL A 142 5.82 -28.94 17.37
C VAL A 142 5.09 -28.75 16.04
N GLU A 143 5.30 -29.66 15.09
CA GLU A 143 4.78 -29.45 13.75
C GLU A 143 3.27 -29.27 13.77
N GLY A 144 2.79 -28.20 13.14
CA GLY A 144 1.38 -27.94 12.97
C GLY A 144 0.59 -27.59 14.22
N LYS A 145 1.25 -27.38 15.35
CA LYS A 145 0.55 -27.13 16.61
C LYS A 145 1.00 -25.79 17.20
N ASP A 146 0.08 -25.15 17.92
CA ASP A 146 0.37 -23.90 18.61
C ASP A 146 1.31 -24.15 19.79
N ASP A 147 2.36 -23.33 19.90
CA ASP A 147 3.34 -23.50 20.97
C ASP A 147 2.69 -23.48 22.35
N VAL A 148 1.69 -22.64 22.54
CA VAL A 148 1.21 -22.34 23.88
C VAL A 148 0.13 -23.33 24.32
N THR A 149 -0.85 -23.62 23.46
CA THR A 149 -1.94 -24.51 23.84
C THR A 149 -1.74 -25.94 23.33
N GLY A 150 -0.94 -26.14 22.29
CA GLY A 150 -0.86 -27.43 21.65
C GLY A 150 -1.98 -27.72 20.68
N GLU A 151 -2.85 -26.74 20.42
CA GLU A 151 -3.94 -26.93 19.47
C GLU A 151 -3.42 -26.82 18.05
N GLU A 152 -4.04 -27.59 17.16
CA GLU A 152 -3.62 -27.64 15.77
C GLU A 152 -3.86 -26.30 15.10
N LEU A 153 -2.86 -25.82 14.36
CA LEU A 153 -2.94 -24.54 13.68
C LEU A 153 -3.84 -24.62 12.45
N THR A 154 -4.33 -23.45 12.05
CA THR A 154 -5.16 -23.32 10.85
C THR A 154 -4.55 -22.28 9.91
N THR A 155 -5.31 -21.99 8.86
CA THR A 155 -4.98 -21.01 7.84
C THR A 155 -6.18 -20.10 7.67
N ARG A 156 -5.92 -18.84 7.38
CA ARG A 156 -6.99 -17.88 7.20
C ARG A 156 -7.65 -18.07 5.83
N LYS A 157 -8.98 -17.95 5.81
CA LYS A 157 -9.70 -17.98 4.54
C LYS A 157 -9.15 -16.92 3.60
N ASP A 158 -8.75 -15.77 4.17
CA ASP A 158 -8.13 -14.69 3.40
C ASP A 158 -6.89 -15.15 2.66
N ASP A 159 -6.24 -16.21 3.14
CA ASP A 159 -4.93 -16.62 2.64
C ASP A 159 -4.98 -17.85 1.74
N GLN A 160 -6.16 -18.31 1.35
CA GLN A 160 -6.24 -19.45 0.44
C GLN A 160 -5.65 -19.09 -0.92
N GLU A 161 -4.94 -20.06 -1.52
CA GLU A 161 -4.18 -19.79 -2.72
C GLU A 161 -5.05 -19.27 -3.86
N GLU A 162 -6.21 -19.89 -4.09
CA GLU A 162 -7.07 -19.40 -5.16
C GLU A 162 -7.49 -17.95 -4.91
N THR A 163 -7.67 -17.57 -3.65
CA THR A 163 -8.08 -16.20 -3.31
C THR A 163 -6.94 -15.22 -3.52
N VAL A 164 -5.74 -15.59 -3.08
CA VAL A 164 -4.56 -14.75 -3.30
C VAL A 164 -4.32 -14.55 -4.79
N ARG A 165 -4.38 -15.62 -5.58
CA ARG A 165 -4.07 -15.48 -6.99
C ARG A 165 -5.11 -14.62 -7.69
N LYS A 166 -6.38 -14.74 -7.30
CA LYS A 166 -7.42 -13.94 -7.90
C LYS A 166 -7.21 -12.46 -7.60
N ARG A 167 -6.80 -12.16 -6.38
CA ARG A 167 -6.51 -10.78 -5.99
C ARG A 167 -5.32 -10.23 -6.78
N LEU A 168 -4.30 -11.06 -7.06
CA LEU A 168 -3.17 -10.54 -7.82
C LEU A 168 -3.54 -10.31 -9.28
N VAL A 169 -4.30 -11.24 -9.86
CA VAL A 169 -4.76 -11.06 -11.24
C VAL A 169 -5.50 -9.75 -11.38
N GLU A 170 -6.43 -9.49 -10.48
CA GLU A 170 -7.18 -8.24 -10.52
C GLU A 170 -6.26 -7.04 -10.32
N TYR A 171 -5.31 -7.15 -9.40
CA TYR A 171 -4.40 -6.04 -9.14
C TYR A 171 -3.60 -5.67 -10.39
N HIS A 172 -3.06 -6.67 -11.08
CA HIS A 172 -2.19 -6.32 -12.21
C HIS A 172 -3.00 -5.76 -13.37
N GLN A 173 -4.22 -6.24 -13.56
N GLN A 173 -4.20 -6.30 -13.60
CA GLN A 173 -5.01 -5.73 -14.69
CA GLN A 173 -5.08 -5.75 -14.62
C GLN A 173 -5.38 -4.27 -14.48
C GLN A 173 -5.21 -4.25 -14.45
N MET A 174 -5.51 -3.84 -13.22
CA MET A 174 -5.79 -2.46 -12.89
C MET A 174 -4.52 -1.61 -12.87
N THR A 175 -3.39 -2.19 -12.46
CA THR A 175 -2.23 -1.37 -12.17
C THR A 175 -1.28 -1.24 -13.35
N ALA A 176 -1.23 -2.20 -14.26
CA ALA A 176 -0.35 -2.11 -15.41
C ALA A 176 -0.49 -0.79 -16.16
N PRO A 177 -1.69 -0.33 -16.50
CA PRO A 177 -1.77 0.97 -17.18
C PRO A 177 -1.27 2.11 -16.29
N LEU A 178 -1.46 2.01 -14.98
CA LEU A 178 -1.02 3.07 -14.08
C LEU A 178 0.51 3.15 -14.01
N ILE A 179 1.18 2.01 -14.04
CA ILE A 179 2.62 2.01 -14.10
C ILE A 179 3.11 2.70 -15.38
N GLY A 180 2.54 2.33 -16.51
CA GLY A 180 2.88 2.99 -17.75
C GLY A 180 2.62 4.49 -17.70
N TYR A 181 1.52 4.89 -17.04
CA TYR A 181 1.19 6.30 -16.89
C TYR A 181 2.32 7.04 -16.19
N TYR A 182 2.79 6.49 -15.04
CA TYR A 182 3.82 7.20 -14.30
C TYR A 182 5.19 7.12 -15.00
N SER A 183 5.50 6.02 -15.68
N SER A 183 5.49 6.02 -15.70
CA SER A 183 6.72 6.00 -16.47
CA SER A 183 6.72 5.98 -16.50
C SER A 183 6.74 7.14 -17.49
C SER A 183 6.75 7.09 -17.55
N LYS A 184 5.60 7.37 -18.16
CA LYS A 184 5.48 8.46 -19.12
C LYS A 184 5.59 9.82 -18.43
N GLU A 185 4.98 9.94 -17.25
CA GLU A 185 5.10 11.19 -16.50
C GLU A 185 6.56 11.47 -16.18
N ALA A 186 7.32 10.43 -15.86
CA ALA A 186 8.74 10.62 -15.56
C ALA A 186 9.51 11.02 -16.83
N GLU A 187 9.17 10.42 -17.97
CA GLU A 187 9.81 10.79 -19.23
C GLU A 187 9.56 12.25 -19.55
N ALA A 188 8.40 12.77 -19.16
CA ALA A 188 8.05 14.17 -19.37
C ALA A 188 8.70 15.10 -18.35
N GLY A 189 9.33 14.54 -17.32
CA GLY A 189 9.95 15.34 -16.29
C GLY A 189 9.01 15.80 -15.20
N ASN A 190 7.83 15.20 -15.08
CA ASN A 190 6.87 15.71 -14.10
C ASN A 190 7.05 15.06 -12.74
N THR A 191 7.67 13.89 -12.71
CA THR A 191 7.93 13.15 -11.50
C THR A 191 9.09 12.22 -11.79
N LYS A 192 9.51 11.49 -10.77
CA LYS A 192 10.45 10.40 -11.01
C LYS A 192 9.75 9.10 -10.70
N TYR A 193 10.14 8.06 -11.42
CA TYR A 193 9.54 6.75 -11.25
C TYR A 193 10.64 5.72 -11.09
N ALA A 194 10.47 4.78 -10.16
CA ALA A 194 11.44 3.71 -10.02
C ALA A 194 10.74 2.42 -9.67
N LYS A 195 11.15 1.34 -10.33
CA LYS A 195 10.69 0.00 -9.98
C LYS A 195 11.68 -0.54 -8.94
N VAL A 196 11.17 -0.93 -7.79
CA VAL A 196 12.00 -1.33 -6.67
C VAL A 196 11.91 -2.84 -6.54
N ASP A 197 13.06 -3.50 -6.48
CA ASP A 197 13.12 -4.95 -6.36
C ASP A 197 12.87 -5.32 -4.90
N GLY A 198 11.63 -5.65 -4.58
CA GLY A 198 11.27 -6.00 -3.23
C GLY A 198 11.69 -7.38 -2.78
N THR A 199 12.33 -8.16 -3.65
CA THR A 199 12.74 -9.52 -3.31
C THR A 199 14.02 -9.57 -2.48
N LYS A 200 14.76 -8.47 -2.42
CA LYS A 200 16.05 -8.43 -1.72
C LYS A 200 15.82 -8.30 -0.23
N PRO A 201 16.86 -8.52 0.58
CA PRO A 201 16.70 -8.32 2.04
C PRO A 201 16.32 -6.89 2.34
N VAL A 202 15.60 -6.70 3.44
CA VAL A 202 15.07 -5.38 3.80
C VAL A 202 16.18 -4.36 3.80
N ALA A 203 17.34 -4.74 4.35
CA ALA A 203 18.44 -3.80 4.46
C ALA A 203 19.00 -3.42 3.09
N GLU A 204 18.93 -4.34 2.12
CA GLU A 204 19.40 -4.04 0.79
C GLU A 204 18.41 -3.17 0.02
N VAL A 205 17.11 -3.44 0.20
CA VAL A 205 16.09 -2.58 -0.41
C VAL A 205 16.23 -1.18 0.14
N ARG A 206 16.51 -1.07 1.44
CA ARG A 206 16.68 0.25 2.04
C ARG A 206 17.84 0.98 1.38
N ALA A 207 18.97 0.31 1.21
CA ALA A 207 20.11 0.92 0.54
C ALA A 207 19.75 1.31 -0.89
N ASP A 208 19.02 0.46 -1.59
N ASP A 208 19.04 0.45 -1.61
CA ASP A 208 18.61 0.78 -2.95
CA ASP A 208 18.60 0.77 -2.96
C ASP A 208 17.72 2.02 -2.98
C ASP A 208 17.74 2.03 -2.97
N LEU A 209 16.78 2.12 -2.04
CA LEU A 209 15.95 3.32 -1.98
C LEU A 209 16.78 4.56 -1.69
N GLU A 210 17.83 4.41 -0.87
CA GLU A 210 18.64 5.59 -0.57
C GLU A 210 19.29 6.13 -1.84
N LYS A 211 19.68 5.24 -2.75
CA LYS A 211 20.25 5.67 -4.02
C LYS A 211 19.20 6.28 -4.94
N ILE A 212 18.01 5.67 -4.96
CA ILE A 212 16.92 6.18 -5.80
C ILE A 212 16.54 7.58 -5.37
N LEU A 213 16.39 7.78 -4.06
CA LEU A 213 15.87 9.04 -3.55
C LEU A 213 16.95 10.06 -3.24
N GLY A 214 18.14 9.61 -2.85
CA GLY A 214 19.20 10.51 -2.45
C GLY A 214 19.24 10.75 -0.94
CL CL B . 1.50 -6.19 1.52
CL CL C . 6.42 -23.37 24.31
CL CL D . -4.12 9.46 6.26
NA NA E . -1.02 22.72 -6.64
MG MG F . 4.87 -6.00 -13.16
MG MG G . -2.27 10.14 10.39
#